data_9HCW
#
_entry.id   9HCW
#
_cell.length_a   52.351
_cell.length_b   52.351
_cell.length_c   147.070
_cell.angle_alpha   90.00
_cell.angle_beta   90.00
_cell.angle_gamma   90.00
#
_symmetry.space_group_name_H-M   'P 41 21 2'
#
loop_
_entity.id
_entity.type
_entity.pdbx_description
1 polymer 'Telomeric repeat-binding factor 1'
2 non-polymer '1-(methylsulfonylamino)cyclohexane-1-carboxylic acid'
3 water water
#
_entity_poly.entity_id   1
_entity_poly.type   'polypeptide(L)'
_entity_poly.pdbx_seq_one_letter_code
;SNAQVQVGAPEEEEEEEEDAGLVAEAEAVAAGWMLDFLCLSLCRAFRDGRSEDFRRTRNSAEAIIHGLSSLTACQLRTIY
ICQFLTRIAAGKTLDAQFENDERITPLESALMIWGSIEKEHDKLHEEIQNLIKIQAIAVCMENGNFKEAEEVFERIFGDP
NSHMPFKSKLLMIISQKDTFHSFFQHFSYNHMMEKIKSYVNYVLSEKSSTFLMKAAAKVVESKR
;
_entity_poly.pdbx_strand_id   A
#
# COMPACT_ATOMS: atom_id res chain seq x y z
N GLU A 16 -27.75 -16.18 -29.62
CA GLU A 16 -28.25 -16.39 -28.26
C GLU A 16 -27.12 -16.84 -27.33
N GLU A 17 -26.39 -17.91 -27.70
CA GLU A 17 -25.24 -18.38 -26.93
C GLU A 17 -24.01 -17.47 -27.19
N GLU A 18 -23.91 -16.93 -28.43
CA GLU A 18 -22.86 -16.01 -28.83
C GLU A 18 -23.13 -14.59 -28.29
N ASP A 19 -24.41 -14.21 -28.11
CA ASP A 19 -24.77 -12.89 -27.60
C ASP A 19 -24.28 -12.72 -26.16
N ALA A 20 -24.56 -13.73 -25.30
CA ALA A 20 -24.13 -13.74 -23.89
C ALA A 20 -22.61 -13.71 -23.76
N GLY A 21 -21.91 -14.34 -24.70
CA GLY A 21 -20.45 -14.37 -24.73
C GLY A 21 -19.87 -13.00 -25.00
N LEU A 22 -20.45 -12.27 -25.98
CA LEU A 22 -20.04 -10.92 -26.35
C LEU A 22 -20.30 -9.94 -25.20
N VAL A 23 -21.38 -10.14 -24.44
CA VAL A 23 -21.77 -9.32 -23.30
C VAL A 23 -20.74 -9.48 -22.17
N ALA A 24 -20.37 -10.72 -21.88
CA ALA A 24 -19.42 -11.06 -20.83
C ALA A 24 -18.05 -10.47 -21.12
N GLU A 25 -17.63 -10.45 -22.40
CA GLU A 25 -16.34 -9.88 -22.76
C GLU A 25 -16.37 -8.36 -22.58
N ALA A 26 -17.46 -7.72 -22.99
CA ALA A 26 -17.65 -6.28 -22.81
C ALA A 26 -17.63 -5.93 -21.31
N GLU A 27 -18.28 -6.75 -20.47
CA GLU A 27 -18.26 -6.53 -19.01
C GLU A 27 -16.85 -6.63 -18.45
N ALA A 28 -16.03 -7.57 -18.98
CA ALA A 28 -14.64 -7.70 -18.55
C ALA A 28 -13.83 -6.47 -18.98
N VAL A 29 -14.10 -5.93 -20.16
CA VAL A 29 -13.43 -4.70 -20.62
C VAL A 29 -13.78 -3.53 -19.68
N ALA A 30 -15.09 -3.32 -19.40
CA ALA A 30 -15.52 -2.23 -18.53
C ALA A 30 -14.96 -2.37 -17.12
N ALA A 31 -14.90 -3.60 -16.60
CA ALA A 31 -14.36 -3.86 -15.28
C ALA A 31 -12.90 -3.48 -15.19
N GLY A 32 -12.12 -3.72 -16.25
CA GLY A 32 -10.71 -3.36 -16.28
C GLY A 32 -10.53 -1.85 -16.23
N TRP A 33 -11.40 -1.12 -16.91
CA TRP A 33 -11.38 0.35 -16.86
C TRP A 33 -11.76 0.88 -15.46
N MET A 34 -12.72 0.23 -14.80
CA MET A 34 -13.14 0.61 -13.46
C MET A 34 -12.02 0.37 -12.46
N LEU A 35 -11.30 -0.76 -12.58
CA LEU A 35 -10.18 -1.09 -11.70
C LEU A 35 -9.07 -0.03 -11.79
N ASP A 36 -8.71 0.39 -13.01
CA ASP A 36 -7.66 1.41 -13.23
C ASP A 36 -8.05 2.76 -12.64
N PHE A 37 -9.31 3.18 -12.90
CA PHE A 37 -9.83 4.46 -12.39
C PHE A 37 -9.80 4.45 -10.86
N LEU A 38 -10.25 3.35 -10.26
CA LEU A 38 -10.32 3.24 -8.81
C LEU A 38 -8.94 3.19 -8.15
N CYS A 39 -7.92 2.70 -8.86
CA CYS A 39 -6.55 2.73 -8.34
C CYS A 39 -6.04 4.16 -8.32
N LEU A 40 -6.29 4.92 -9.41
CA LEU A 40 -5.94 6.32 -9.51
C LEU A 40 -6.61 7.13 -8.43
N SER A 41 -7.89 6.84 -8.18
CA SER A 41 -8.62 7.55 -7.09
CA SER A 41 -8.62 7.55 -7.09
C SER A 41 -8.06 7.23 -5.69
N LEU A 42 -7.64 5.97 -5.52
CA LEU A 42 -7.09 5.54 -4.21
C LEU A 42 -5.73 6.22 -3.97
N CYS A 43 -4.88 6.24 -4.99
CA CYS A 43 -3.53 6.84 -4.85
C CYS A 43 -3.65 8.34 -4.50
N ARG A 44 -4.56 9.05 -5.17
CA ARG A 44 -4.77 10.50 -4.91
C ARG A 44 -5.23 10.70 -3.45
N ALA A 45 -6.17 9.87 -3.00
CA ALA A 45 -6.70 10.00 -1.62
C ALA A 45 -5.55 9.80 -0.63
N PHE A 46 -4.70 8.80 -0.87
CA PHE A 46 -3.56 8.53 0.02
C PHE A 46 -2.65 9.75 0.02
N ARG A 47 -2.35 10.28 -1.17
CA ARG A 47 -1.46 11.47 -1.29
C ARG A 47 -2.09 12.64 -0.54
N ASP A 48 -3.36 12.94 -0.80
CA ASP A 48 -4.00 14.11 -0.16
C ASP A 48 -4.32 13.92 1.31
N GLY A 49 -4.25 12.70 1.81
CA GLY A 49 -4.63 12.42 3.19
C GLY A 49 -6.13 12.41 3.41
N ARG A 50 -6.92 12.21 2.33
CA ARG A 50 -8.39 12.15 2.42
C ARG A 50 -8.77 10.73 2.89
N SER A 51 -8.68 10.50 4.21
CA SER A 51 -8.91 9.21 4.85
CA SER A 51 -8.93 9.24 4.90
C SER A 51 -10.27 8.56 4.56
N GLU A 52 -11.37 9.33 4.60
CA GLU A 52 -12.69 8.74 4.35
C GLU A 52 -12.88 8.38 2.89
N ASP A 53 -12.34 9.19 1.98
CA ASP A 53 -12.40 8.91 0.55
C ASP A 53 -11.57 7.69 0.23
N PHE A 54 -10.44 7.50 0.91
CA PHE A 54 -9.59 6.33 0.70
C PHE A 54 -10.36 5.09 1.13
N ARG A 55 -11.02 5.14 2.30
CA ARG A 55 -11.79 4.01 2.84
C ARG A 55 -12.91 3.62 1.85
N ARG A 56 -13.72 4.59 1.41
CA ARG A 56 -14.80 4.32 0.46
C ARG A 56 -14.30 3.81 -0.89
N THR A 57 -13.20 4.38 -1.40
CA THR A 57 -12.64 3.94 -2.69
C THR A 57 -12.03 2.56 -2.62
N ARG A 58 -11.43 2.19 -1.46
CA ARG A 58 -10.91 0.84 -1.25
C ARG A 58 -12.04 -0.16 -1.29
N ASN A 59 -13.21 0.18 -0.67
CA ASN A 59 -14.40 -0.68 -0.66
C ASN A 59 -14.86 -0.96 -2.09
N SER A 60 -14.84 0.09 -2.95
CA SER A 60 -15.20 -0.01 -4.36
C SER A 60 -14.21 -0.86 -5.17
N ALA A 61 -12.89 -0.65 -5.00
CA ALA A 61 -11.90 -1.47 -5.71
C ALA A 61 -12.02 -2.95 -5.30
N GLU A 62 -12.26 -3.24 -4.01
CA GLU A 62 -12.39 -4.63 -3.58
C GLU A 62 -13.52 -5.36 -4.32
N ALA A 63 -14.71 -4.71 -4.37
CA ALA A 63 -15.88 -5.25 -4.98
C ALA A 63 -15.63 -5.48 -6.47
N ILE A 64 -15.04 -4.51 -7.17
CA ILE A 64 -14.75 -4.66 -8.58
C ILE A 64 -13.78 -5.81 -8.85
N ILE A 65 -12.75 -5.95 -7.98
CA ILE A 65 -11.74 -7.01 -8.10
C ILE A 65 -12.37 -8.41 -8.00
N HIS A 66 -13.36 -8.59 -7.09
CA HIS A 66 -14.05 -9.87 -6.97
C HIS A 66 -14.91 -10.24 -8.19
N GLY A 67 -15.24 -9.26 -9.03
CA GLY A 67 -16.01 -9.50 -10.24
C GLY A 67 -15.17 -9.69 -11.49
N LEU A 68 -13.85 -9.77 -11.33
CA LEU A 68 -12.89 -9.98 -12.40
C LEU A 68 -12.30 -11.38 -12.29
N SER A 69 -12.06 -12.04 -13.41
CA SER A 69 -11.45 -13.37 -13.40
C SER A 69 -10.06 -13.36 -14.03
N SER A 70 -9.93 -12.75 -15.23
CA SER A 70 -8.65 -12.73 -15.93
C SER A 70 -7.92 -11.44 -15.59
N LEU A 71 -6.63 -11.52 -15.32
CA LEU A 71 -5.84 -10.33 -14.99
C LEU A 71 -4.59 -10.25 -15.84
N THR A 72 -4.36 -9.12 -16.51
CA THR A 72 -3.11 -8.91 -17.23
C THR A 72 -2.00 -8.67 -16.19
N ALA A 73 -0.72 -8.72 -16.61
CA ALA A 73 0.38 -8.45 -15.67
C ALA A 73 0.28 -7.02 -15.12
N CYS A 74 -0.17 -6.07 -15.97
CA CYS A 74 -0.34 -4.67 -15.55
C CYS A 74 -1.44 -4.53 -14.51
N GLN A 75 -2.56 -5.26 -14.68
CA GLN A 75 -3.66 -5.21 -13.72
C GLN A 75 -3.26 -5.80 -12.37
N LEU A 76 -2.40 -6.84 -12.37
CA LEU A 76 -1.93 -7.46 -11.14
C LEU A 76 -1.04 -6.47 -10.39
N ARG A 77 -0.16 -5.74 -11.10
CA ARG A 77 0.67 -4.68 -10.48
C ARG A 77 -0.24 -3.59 -9.87
N THR A 78 -1.28 -3.20 -10.59
CA THR A 78 -2.25 -2.21 -10.13
C THR A 78 -2.92 -2.67 -8.85
N ILE A 79 -3.30 -3.96 -8.78
CA ILE A 79 -3.90 -4.51 -7.57
C ILE A 79 -2.91 -4.49 -6.41
N TYR A 80 -1.67 -4.94 -6.63
CA TYR A 80 -0.63 -4.89 -5.60
C TYR A 80 -0.46 -3.49 -5.02
N ILE A 81 -0.53 -2.43 -5.87
CA ILE A 81 -0.46 -1.04 -5.45
C ILE A 81 -1.59 -0.73 -4.52
N CYS A 82 -2.85 -1.10 -4.88
CA CYS A 82 -3.98 -0.84 -3.98
C CYS A 82 -3.78 -1.54 -2.62
N GLN A 83 -3.30 -2.79 -2.66
CA GLN A 83 -3.03 -3.60 -1.47
C GLN A 83 -1.97 -2.99 -0.57
N PHE A 84 -0.82 -2.58 -1.14
CA PHE A 84 0.30 -1.95 -0.45
C PHE A 84 -0.18 -0.67 0.27
N LEU A 85 -0.92 0.21 -0.44
CA LEU A 85 -1.44 1.43 0.18
C LEU A 85 -2.46 1.14 1.29
N THR A 86 -3.27 0.09 1.11
CA THR A 86 -4.24 -0.31 2.11
C THR A 86 -3.54 -0.77 3.41
N ARG A 87 -2.46 -1.55 3.29
CA ARG A 87 -1.73 -2.01 4.47
C ARG A 87 -0.97 -0.88 5.13
N ILE A 88 -0.35 0.03 4.33
CA ILE A 88 0.34 1.21 4.89
C ILE A 88 -0.59 2.08 5.71
N ALA A 89 -1.83 2.35 5.19
CA ALA A 89 -2.86 3.14 5.90
C ALA A 89 -3.27 2.48 7.21
N ALA A 90 -3.28 1.14 7.25
CA ALA A 90 -3.58 0.38 8.45
C ALA A 90 -2.33 0.00 9.27
N GLY A 91 -1.18 0.63 8.99
CA GLY A 91 0.08 0.35 9.64
C GLY A 91 0.11 0.42 11.15
N LYS A 92 -0.65 1.37 11.74
CA LYS A 92 -0.73 1.47 13.20
C LYS A 92 -1.87 0.65 13.83
N THR A 93 -2.71 0.03 13.01
CA THR A 93 -3.85 -0.77 13.48
C THR A 93 -3.34 -2.21 13.66
N LEU A 94 -2.71 -2.52 14.80
CA LEU A 94 -2.17 -3.85 15.08
C LEU A 94 -3.24 -4.95 15.21
N ASP A 95 -4.52 -4.59 15.30
CA ASP A 95 -5.62 -5.57 15.34
C ASP A 95 -6.05 -6.04 13.93
N ALA A 96 -5.45 -5.49 12.86
CA ALA A 96 -5.80 -5.85 11.50
C ALA A 96 -5.03 -7.08 11.05
N GLN A 97 -5.72 -8.06 10.51
CA GLN A 97 -5.09 -9.28 10.03
C GLN A 97 -5.22 -9.30 8.51
N PHE A 98 -4.13 -9.05 7.79
CA PHE A 98 -4.18 -9.05 6.32
C PHE A 98 -3.78 -10.40 5.69
N GLU A 99 -3.17 -11.30 6.45
CA GLU A 99 -2.72 -12.59 5.93
C GLU A 99 -3.39 -13.74 6.69
N ASN A 100 -3.42 -14.96 6.11
CA ASN A 100 -3.99 -16.11 6.83
C ASN A 100 -3.20 -16.40 8.11
N ASP A 101 -1.88 -16.13 8.11
CA ASP A 101 -1.07 -16.26 9.30
C ASP A 101 -1.42 -15.03 10.15
N GLU A 102 -2.06 -15.24 11.31
CA GLU A 102 -2.50 -14.18 12.20
C GLU A 102 -1.36 -13.34 12.84
N ARG A 103 -0.12 -13.83 12.83
CA ARG A 103 0.99 -13.09 13.43
C ARG A 103 1.51 -11.92 12.58
N ILE A 104 1.30 -11.95 11.27
CA ILE A 104 1.84 -10.96 10.36
C ILE A 104 1.14 -9.62 10.51
N THR A 105 1.89 -8.61 10.95
CA THR A 105 1.34 -7.28 11.16
C THR A 105 1.13 -6.52 9.84
N PRO A 106 0.27 -5.49 9.84
CA PRO A 106 0.04 -4.71 8.61
C PRO A 106 1.29 -4.19 7.86
N LEU A 107 2.29 -3.66 8.57
CA LEU A 107 3.51 -3.18 7.91
C LEU A 107 4.36 -4.35 7.37
N GLU A 108 4.29 -5.52 8.01
CA GLU A 108 4.99 -6.70 7.50
C GLU A 108 4.32 -7.17 6.20
N SER A 109 2.99 -7.14 6.16
CA SER A 109 2.23 -7.49 4.96
C SER A 109 2.54 -6.49 3.81
N ALA A 110 2.68 -5.18 4.11
CA ALA A 110 3.06 -4.15 3.11
C ALA A 110 4.45 -4.41 2.55
N LEU A 111 5.41 -4.80 3.41
CA LEU A 111 6.79 -5.07 3.00
C LEU A 111 6.82 -6.28 2.01
N MET A 112 5.93 -7.27 2.22
CA MET A 112 5.86 -8.42 1.34
C MET A 112 5.39 -7.99 -0.06
N ILE A 113 4.35 -7.18 -0.17
CA ILE A 113 3.85 -6.68 -1.45
C ILE A 113 4.84 -5.75 -2.12
N TRP A 114 5.56 -4.93 -1.33
CA TRP A 114 6.57 -4.05 -1.89
C TRP A 114 7.69 -4.83 -2.59
N GLY A 115 8.08 -5.97 -2.05
CA GLY A 115 9.11 -6.79 -2.67
C GLY A 115 8.61 -7.72 -3.77
N SER A 116 7.29 -7.69 -4.05
CA SER A 116 6.61 -8.53 -5.04
C SER A 116 6.20 -7.76 -6.30
N ILE A 117 6.05 -6.44 -6.21
CA ILE A 117 5.74 -5.62 -7.37
C ILE A 117 6.88 -5.72 -8.40
N GLU A 118 6.53 -5.79 -9.71
CA GLU A 118 7.56 -5.82 -10.74
C GLU A 118 7.86 -4.35 -11.01
N LYS A 119 8.80 -3.80 -10.26
CA LYS A 119 9.17 -2.39 -10.37
C LYS A 119 10.69 -2.23 -10.23
N GLU A 120 11.20 -1.05 -10.62
CA GLU A 120 12.62 -0.79 -10.49
C GLU A 120 13.02 -0.74 -9.00
N HIS A 121 14.19 -1.26 -8.70
CA HIS A 121 14.70 -1.22 -7.34
C HIS A 121 15.68 -0.07 -7.25
N ASP A 122 15.15 1.14 -7.40
CA ASP A 122 15.95 2.34 -7.32
C ASP A 122 16.27 2.72 -5.84
N LYS A 123 16.98 3.83 -5.60
CA LYS A 123 17.30 4.32 -4.28
C LYS A 123 16.03 4.50 -3.41
N LEU A 124 14.99 5.12 -4.01
CA LEU A 124 13.68 5.37 -3.39
C LEU A 124 13.02 4.08 -2.94
N HIS A 125 13.10 3.02 -3.76
CA HIS A 125 12.52 1.72 -3.40
C HIS A 125 13.16 1.21 -2.11
N GLU A 126 14.49 1.30 -2.02
CA GLU A 126 15.20 0.76 -0.86
C GLU A 126 14.97 1.57 0.40
N GLU A 127 14.92 2.90 0.29
CA GLU A 127 14.63 3.80 1.41
C GLU A 127 13.24 3.49 1.97
N ILE A 128 12.25 3.29 1.07
CA ILE A 128 10.90 2.95 1.50
C ILE A 128 10.89 1.60 2.23
N GLN A 129 11.63 0.62 1.70
CA GLN A 129 11.71 -0.70 2.31
C GLN A 129 12.29 -0.63 3.73
N ASN A 130 13.38 0.10 3.89
CA ASN A 130 14.06 0.20 5.17
C ASN A 130 13.23 0.99 6.21
N LEU A 131 12.52 2.04 5.77
CA LEU A 131 11.64 2.82 6.64
C LEU A 131 10.46 1.95 7.12
N ILE A 132 9.92 1.07 6.24
CA ILE A 132 8.84 0.18 6.67
C ILE A 132 9.37 -0.84 7.69
N LYS A 133 10.60 -1.36 7.51
CA LYS A 133 11.23 -2.30 8.44
C LYS A 133 11.36 -1.73 9.85
N ILE A 134 11.91 -0.51 9.98
CA ILE A 134 12.08 0.17 11.25
C ILE A 134 10.71 0.48 11.89
N GLN A 135 9.75 0.97 11.10
CA GLN A 135 8.43 1.28 11.62
C GLN A 135 7.64 0.06 11.97
N ALA A 136 7.87 -1.07 11.31
CA ALA A 136 7.16 -2.32 11.65
C ALA A 136 7.45 -2.72 13.10
N ILE A 137 8.69 -2.47 13.56
CA ILE A 137 9.11 -2.74 14.91
C ILE A 137 8.64 -1.62 15.85
N ALA A 138 8.86 -0.36 15.45
CA ALA A 138 8.53 0.80 16.24
C ALA A 138 7.07 0.82 16.69
N VAL A 139 6.13 0.48 15.79
CA VAL A 139 4.71 0.52 16.13
C VAL A 139 4.38 -0.50 17.22
N CYS A 140 5.11 -1.63 17.30
CA CYS A 140 4.89 -2.61 18.37
C CYS A 140 5.36 -2.02 19.71
N MET A 141 6.57 -1.46 19.73
CA MET A 141 7.15 -0.83 20.92
CA MET A 141 7.12 -0.84 20.92
C MET A 141 6.23 0.28 21.46
N GLU A 142 5.75 1.18 20.57
CA GLU A 142 4.88 2.30 20.93
C GLU A 142 3.47 1.88 21.43
N ASN A 143 3.21 0.58 21.54
CA ASN A 143 1.99 0.03 22.10
C ASN A 143 2.28 -0.93 23.28
N GLY A 144 3.53 -0.94 23.78
CA GLY A 144 3.94 -1.81 24.88
C GLY A 144 4.11 -3.26 24.50
N ASN A 145 4.00 -3.61 23.20
CA ASN A 145 4.12 -4.99 22.75
C ASN A 145 5.59 -5.31 22.44
N PHE A 146 6.42 -5.38 23.48
CA PHE A 146 7.86 -5.61 23.37
C PHE A 146 8.26 -7.00 22.88
N LYS A 147 7.52 -8.05 23.29
CA LYS A 147 7.82 -9.41 22.86
C LYS A 147 7.53 -9.52 21.36
N GLU A 148 6.40 -8.95 20.92
CA GLU A 148 5.95 -8.94 19.54
C GLU A 148 6.94 -8.18 18.63
N ALA A 149 7.56 -7.09 19.14
CA ALA A 149 8.55 -6.34 18.38
C ALA A 149 9.75 -7.24 18.06
N GLU A 150 10.20 -8.05 19.03
CA GLU A 150 11.30 -8.99 18.83
C GLU A 150 10.90 -10.07 17.81
N GLU A 151 9.64 -10.52 17.84
CA GLU A 151 9.14 -11.50 16.90
C GLU A 151 9.06 -10.94 15.47
N VAL A 152 8.65 -9.65 15.34
CA VAL A 152 8.59 -8.93 14.05
C VAL A 152 10.04 -8.83 13.53
N PHE A 153 10.97 -8.42 14.41
CA PHE A 153 12.40 -8.26 14.13
C PHE A 153 12.98 -9.56 13.57
N GLU A 154 12.65 -10.71 14.18
CA GLU A 154 13.18 -11.99 13.73
C GLU A 154 12.63 -12.39 12.35
N ARG A 155 11.35 -12.09 12.07
CA ARG A 155 10.77 -12.43 10.76
C ARG A 155 11.34 -11.55 9.65
N ILE A 156 11.61 -10.28 9.96
CA ILE A 156 12.17 -9.36 8.99
C ILE A 156 13.70 -9.53 8.82
N PHE A 157 14.48 -9.39 9.92
CA PHE A 157 15.94 -9.42 9.92
C PHE A 157 16.55 -10.77 10.20
N GLY A 158 16.65 -11.61 9.17
CA GLY A 158 17.24 -12.94 9.27
CA MET A 164 24.56 -5.78 11.26
C MET A 164 24.53 -4.46 12.04
N PRO A 165 24.87 -3.34 11.39
CA PRO A 165 24.86 -2.05 12.11
C PRO A 165 23.48 -1.62 12.61
N PHE A 166 22.51 -1.40 11.68
CA PHE A 166 21.14 -1.02 12.07
C PHE A 166 20.45 -2.18 12.77
N LYS A 167 20.72 -3.42 12.33
CA LYS A 167 20.18 -4.64 12.89
C LYS A 167 20.47 -4.73 14.41
N SER A 168 21.74 -4.52 14.82
CA SER A 168 22.08 -4.60 16.24
C SER A 168 21.57 -3.40 17.06
N LYS A 169 21.48 -2.21 16.44
CA LYS A 169 20.96 -1.01 17.12
C LYS A 169 19.49 -1.22 17.46
N LEU A 170 18.73 -1.81 16.51
CA LEU A 170 17.32 -2.14 16.67
C LEU A 170 17.11 -3.19 17.76
N LEU A 171 17.94 -4.27 17.78
CA LEU A 171 17.82 -5.29 18.83
C LEU A 171 18.08 -4.67 20.22
N MET A 172 19.06 -3.75 20.32
N MET A 172 19.05 -3.75 20.33
CA MET A 172 19.39 -3.04 21.55
CA MET A 172 19.36 -3.05 21.58
C MET A 172 18.19 -2.23 22.08
C MET A 172 18.17 -2.23 22.08
N ILE A 173 17.47 -1.54 21.17
CA ILE A 173 16.30 -0.73 21.55
C ILE A 173 15.13 -1.61 22.04
N ILE A 174 14.89 -2.75 21.35
CA ILE A 174 13.84 -3.69 21.75
C ILE A 174 14.16 -4.26 23.14
N SER A 175 15.44 -4.65 23.35
CA SER A 175 15.97 -5.19 24.61
C SER A 175 15.89 -4.18 25.76
N GLN A 176 16.13 -2.89 25.47
CA GLN A 176 16.04 -1.84 26.48
C GLN A 176 14.60 -1.38 26.74
N LYS A 177 13.64 -1.76 25.86
CA LYS A 177 12.22 -1.40 25.92
C LYS A 177 12.00 0.13 25.91
N ASP A 178 12.89 0.86 25.23
CA ASP A 178 12.83 2.31 25.11
C ASP A 178 11.96 2.66 23.89
N THR A 179 10.62 2.62 24.07
CA THR A 179 9.64 2.92 23.01
C THR A 179 9.85 4.30 22.41
N PHE A 180 10.07 5.31 23.27
CA PHE A 180 10.32 6.66 22.79
C PHE A 180 11.83 6.85 22.58
N HIS A 181 12.33 6.41 21.43
CA HIS A 181 13.75 6.52 21.12
C HIS A 181 14.02 7.54 20.01
N SER A 182 15.17 8.19 20.05
CA SER A 182 15.57 9.20 19.06
C SER A 182 15.76 8.60 17.65
N PHE A 183 16.03 7.29 17.55
CA PHE A 183 16.19 6.61 16.28
C PHE A 183 14.85 6.58 15.55
N PHE A 184 13.76 6.28 16.28
CA PHE A 184 12.41 6.22 15.70
C PHE A 184 11.83 7.59 15.32
N GLN A 185 12.53 8.69 15.63
CA GLN A 185 12.15 10.05 15.29
C GLN A 185 12.90 10.50 14.01
N HIS A 186 14.12 9.99 13.78
CA HIS A 186 14.88 10.31 12.58
C HIS A 186 14.31 9.50 11.41
N PHE A 187 14.01 8.21 11.65
CA PHE A 187 13.40 7.34 10.64
C PHE A 187 11.99 7.13 11.15
N SER A 188 11.23 8.20 11.15
CA SER A 188 9.87 8.29 11.69
C SER A 188 8.79 7.73 10.76
N TYR A 189 7.58 7.57 11.32
CA TYR A 189 6.39 7.15 10.60
C TYR A 189 6.05 8.20 9.54
N ASN A 190 6.18 9.50 9.90
CA ASN A 190 5.89 10.59 8.96
C ASN A 190 6.85 10.60 7.79
N HIS A 191 8.13 10.25 8.03
CA HIS A 191 9.13 10.20 6.96
CA HIS A 191 9.13 10.20 6.96
C HIS A 191 8.79 9.05 6.02
N MET A 192 8.35 7.90 6.57
CA MET A 192 7.98 6.74 5.77
C MET A 192 6.79 7.13 4.88
N MET A 193 5.76 7.78 5.46
CA MET A 193 4.59 8.25 4.71
C MET A 193 4.96 9.24 3.58
N GLU A 194 5.84 10.22 3.87
CA GLU A 194 6.24 11.20 2.86
C GLU A 194 7.01 10.56 1.70
N LYS A 195 7.92 9.60 2.01
CA LYS A 195 8.65 8.90 0.97
C LYS A 195 7.67 8.08 0.12
N ILE A 196 6.70 7.40 0.76
CA ILE A 196 5.70 6.63 0.03
C ILE A 196 4.84 7.55 -0.84
N LYS A 197 4.44 8.73 -0.33
CA LYS A 197 3.68 9.72 -1.11
C LYS A 197 4.44 10.18 -2.36
N SER A 198 5.79 10.32 -2.29
CA SER A 198 6.56 10.73 -3.48
CA SER A 198 6.54 10.74 -3.49
C SER A 198 6.44 9.66 -4.57
N TYR A 199 6.42 8.38 -4.17
CA TYR A 199 6.29 7.24 -5.08
C TYR A 199 4.88 7.24 -5.68
N VAL A 200 3.85 7.43 -4.84
CA VAL A 200 2.47 7.49 -5.28
C VAL A 200 2.28 8.61 -6.32
N ASN A 201 3.04 9.73 -6.21
CA ASN A 201 3.03 10.84 -7.17
C ASN A 201 3.43 10.38 -8.59
N TYR A 202 4.32 9.38 -8.69
CA TYR A 202 4.71 8.79 -9.99
C TYR A 202 3.56 7.88 -10.53
N VAL A 203 2.90 7.12 -9.65
CA VAL A 203 1.79 6.26 -10.07
C VAL A 203 0.63 7.15 -10.56
N LEU A 204 0.35 8.24 -9.85
CA LEU A 204 -0.68 9.18 -10.23
C LEU A 204 -0.43 9.77 -11.61
N SER A 205 0.83 10.16 -11.93
CA SER A 205 1.10 10.73 -13.25
C SER A 205 0.96 9.67 -14.35
N GLU A 206 1.33 8.42 -14.06
CA GLU A 206 1.24 7.30 -14.99
C GLU A 206 -0.21 6.91 -15.31
N LYS A 207 -1.10 6.84 -14.29
CA LYS A 207 -2.51 6.45 -14.50
C LYS A 207 -3.48 7.60 -14.78
N SER A 208 -2.99 8.84 -14.80
CA SER A 208 -3.85 9.98 -15.11
C SER A 208 -4.41 9.92 -16.56
N SER A 209 -3.76 9.13 -17.44
CA SER A 209 -4.19 9.00 -18.83
C SER A 209 -5.02 7.72 -19.09
N THR A 210 -5.54 7.05 -18.03
CA THR A 210 -6.35 5.84 -18.26
C THR A 210 -7.73 6.23 -18.82
N PHE A 211 -8.35 5.33 -19.58
CA PHE A 211 -9.58 5.60 -20.31
C PHE A 211 -10.69 6.39 -19.57
N LEU A 212 -11.18 5.85 -18.45
CA LEU A 212 -12.31 6.44 -17.74
C LEU A 212 -11.99 7.85 -17.24
N MET A 213 -10.79 8.04 -16.65
CA MET A 213 -10.41 9.36 -16.15
C MET A 213 -10.25 10.34 -17.28
N LYS A 214 -9.62 9.95 -18.39
CA LYS A 214 -9.43 10.82 -19.55
C LYS A 214 -10.78 11.26 -20.16
N ALA A 215 -11.72 10.32 -20.28
CA ALA A 215 -13.03 10.61 -20.83
C ALA A 215 -13.86 11.49 -19.86
N ALA A 216 -13.73 11.26 -18.54
CA ALA A 216 -14.49 12.04 -17.55
C ALA A 216 -13.96 13.48 -17.49
N ALA A 217 -12.62 13.64 -17.48
CA ALA A 217 -12.00 14.97 -17.46
C ALA A 217 -12.38 15.75 -18.71
N LYS A 218 -12.51 15.09 -19.86
CA LYS A 218 -12.91 15.73 -21.13
C LYS A 218 -14.36 16.26 -21.07
N VAL A 219 -15.25 15.53 -20.38
CA VAL A 219 -16.64 15.98 -20.21
C VAL A 219 -16.69 17.23 -19.31
N VAL A 220 -15.87 17.25 -18.26
CA VAL A 220 -15.75 18.35 -17.30
C VAL A 220 -15.20 19.60 -17.99
N GLU A 221 -14.09 19.44 -18.73
CA GLU A 221 -13.45 20.54 -19.45
C GLU A 221 -14.37 21.16 -20.51
N SER A 222 -15.21 20.32 -21.17
CA SER A 222 -16.17 20.80 -22.17
C SER A 222 -17.28 21.68 -21.56
N LYS A 223 -17.53 21.55 -20.25
CA LYS A 223 -18.55 22.36 -19.57
C LYS A 223 -17.98 23.65 -18.93
N ARG A 224 -16.69 23.97 -19.20
CA ARG A 224 -16.00 25.14 -18.62
C ARG A 224 -15.96 26.35 -19.56
#